data_2BQZ
#
_entry.id   2BQZ
#
_cell.length_a   42.179
_cell.length_b   46.322
_cell.length_c   51.998
_cell.angle_alpha   64.74
_cell.angle_beta   86.66
_cell.angle_gamma   90.61
#
_symmetry.space_group_name_H-M   'P 1'
#
loop_
_entity.id
_entity.type
_entity.pdbx_description
1 polymer 'SET8 PROTEIN'
2 polymer 'HISTONE H4'
3 non-polymer S-ADENOSYL-L-HOMOCYSTEINE
4 water water
#
loop_
_entity_poly.entity_id
_entity_poly.type
_entity_poly.pdbx_seq_one_letter_code
_entity_poly.pdbx_strand_id
1 'polypeptide(L)'
;RKSKAELQSEERKRIDELIESGKEEGMKIDLIDGKGRGVIATKQFSRGDFVVEYHGDLIEITDAKKREALYAQDPSTGCY
MYYFQYLSKTYCVDATRETNRLGRLINHSKCGNCQTKLHDIDGVPHLILIASRDIAAGEELLYDYGDRSKASIEAHPWLK
H
;
A,E
2 'polypeptide(L)' RHR(MLZ)VLRDNY B,F
#
loop_
_chem_comp.id
_chem_comp.type
_chem_comp.name
_chem_comp.formula
SAH non-polymer S-ADENOSYL-L-HOMOCYSTEINE 'C14 H20 N6 O5 S'
#
# COMPACT_ATOMS: atom_id res chain seq x y z
N ARG A 1 28.55 -7.93 -0.20
CA ARG A 1 29.92 -7.42 -0.52
C ARG A 1 29.78 -6.07 -1.17
N LYS A 2 28.54 -5.66 -1.27
CA LYS A 2 28.20 -4.28 -1.29
C LYS A 2 28.30 -3.83 0.19
N SER A 3 29.46 -3.34 0.58
CA SER A 3 29.67 -2.80 1.93
C SER A 3 28.67 -1.68 2.19
N LYS A 4 28.64 -1.18 3.43
CA LYS A 4 27.71 -0.10 3.81
C LYS A 4 28.03 1.19 3.04
N ALA A 5 29.28 1.62 3.11
CA ALA A 5 29.71 2.83 2.42
C ALA A 5 29.40 2.79 0.92
N GLU A 6 29.64 1.65 0.28
CA GLU A 6 29.38 1.51 -1.15
C GLU A 6 27.90 1.51 -1.49
N LEU A 7 27.09 0.85 -0.65
CA LEU A 7 25.66 0.83 -0.91
C LEU A 7 25.15 2.27 -0.80
N GLN A 8 25.74 3.00 0.13
CA GLN A 8 25.36 4.40 0.35
C GLN A 8 25.78 5.27 -0.83
N SER A 9 27.04 5.12 -1.24
CA SER A 9 27.58 5.90 -2.35
C SER A 9 26.77 5.66 -3.63
N GLU A 10 26.45 4.39 -3.89
CA GLU A 10 25.70 4.02 -5.09
C GLU A 10 24.28 4.59 -5.07
N GLU A 11 23.62 4.55 -3.91
CA GLU A 11 22.29 5.10 -3.79
C GLU A 11 22.33 6.62 -3.98
N ARG A 12 23.32 7.28 -3.40
CA ARG A 12 23.39 8.73 -3.54
C ARG A 12 23.52 9.10 -5.02
N LYS A 13 24.41 8.40 -5.70
CA LYS A 13 24.67 8.66 -7.11
C LYS A 13 23.44 8.41 -7.97
N ARG A 14 22.75 7.31 -7.68
CA ARG A 14 21.56 6.93 -8.41
C ARG A 14 20.53 8.02 -8.30
N ILE A 15 20.30 8.50 -7.09
CA ILE A 15 19.29 9.52 -6.87
C ILE A 15 19.72 10.84 -7.50
N ASP A 16 20.97 11.22 -7.32
CA ASP A 16 21.48 12.45 -7.91
C ASP A 16 21.25 12.44 -9.42
N GLU A 17 21.56 11.31 -10.07
CA GLU A 17 21.44 11.20 -11.52
C GLU A 17 20.00 11.35 -11.97
N LEU A 18 19.07 10.78 -11.22
CA LEU A 18 17.66 10.91 -11.55
C LEU A 18 17.18 12.35 -11.40
N ILE A 19 17.58 13.01 -10.32
CA ILE A 19 17.18 14.38 -10.11
C ILE A 19 17.70 15.25 -11.23
N GLU A 20 18.99 15.08 -11.55
CA GLU A 20 19.69 15.91 -12.53
C GLU A 20 19.16 15.71 -13.95
N SER A 21 18.84 14.49 -14.31
CA SER A 21 18.34 14.20 -15.65
C SER A 21 16.91 14.71 -15.85
N GLY A 22 16.16 14.79 -14.76
CA GLY A 22 14.78 15.20 -14.80
C GLY A 22 13.90 14.22 -15.56
N LYS A 23 14.37 12.99 -15.78
CA LYS A 23 13.54 12.00 -16.44
C LYS A 23 12.41 11.63 -15.47
N GLU A 24 11.20 11.73 -15.97
CA GLU A 24 10.02 11.47 -15.18
C GLU A 24 9.27 10.33 -15.84
N GLU A 25 9.91 9.17 -15.84
CA GLU A 25 9.40 7.99 -16.51
C GLU A 25 8.45 7.18 -15.63
N GLY A 26 7.57 6.43 -16.29
CA GLY A 26 6.66 5.52 -15.60
C GLY A 26 5.44 6.19 -15.02
N MET A 27 5.11 7.36 -15.54
CA MET A 27 3.99 8.15 -15.02
C MET A 27 3.20 8.83 -16.11
N LYS A 28 1.90 8.95 -15.89
CA LYS A 28 1.05 9.73 -16.81
C LYS A 28 0.04 10.55 -16.04
N ILE A 29 -0.43 11.63 -16.65
CA ILE A 29 -1.47 12.47 -16.07
C ILE A 29 -2.84 11.89 -16.42
N ASP A 30 -3.79 11.96 -15.49
CA ASP A 30 -5.19 11.56 -15.74
C ASP A 30 -6.12 12.47 -14.96
N LEU A 31 -7.40 12.52 -15.32
CA LEU A 31 -8.39 13.24 -14.54
C LEU A 31 -8.86 12.25 -13.50
N ILE A 32 -8.84 12.66 -12.23
CA ILE A 32 -9.17 11.78 -11.10
C ILE A 32 -10.42 12.30 -10.41
N ASP A 33 -11.40 11.43 -10.22
CA ASP A 33 -12.66 11.82 -9.63
C ASP A 33 -12.47 12.56 -8.32
N GLY A 34 -13.00 13.77 -8.23
CA GLY A 34 -12.94 14.58 -7.02
C GLY A 34 -11.64 15.29 -6.73
N LYS A 35 -10.66 15.16 -7.61
CA LYS A 35 -9.34 15.70 -7.32
C LYS A 35 -8.75 16.61 -8.39
N GLY A 36 -9.34 16.66 -9.58
CA GLY A 36 -8.70 17.38 -10.67
C GLY A 36 -7.77 16.46 -11.43
N ARG A 37 -6.60 16.95 -11.78
CA ARG A 37 -5.60 16.11 -12.41
C ARG A 37 -4.90 15.31 -11.32
N GLY A 38 -4.38 14.16 -11.70
CA GLY A 38 -3.57 13.36 -10.83
C GLY A 38 -2.55 12.61 -11.67
N VAL A 39 -1.66 11.86 -11.02
CA VAL A 39 -0.63 11.13 -11.75
C VAL A 39 -0.79 9.63 -11.48
N ILE A 40 -0.77 8.84 -12.55
CA ILE A 40 -0.94 7.40 -12.45
C ILE A 40 0.35 6.74 -12.87
N ALA A 41 0.68 5.68 -12.15
CA ALA A 41 1.83 4.88 -12.49
C ALA A 41 1.57 4.07 -13.76
N THR A 42 2.54 4.00 -14.65
CA THR A 42 2.38 3.20 -15.88
C THR A 42 3.32 2.00 -15.90
N LYS A 43 4.06 1.85 -14.82
CA LYS A 43 4.99 0.76 -14.63
C LYS A 43 4.99 0.44 -13.14
N GLN A 44 5.55 -0.71 -12.79
CA GLN A 44 5.74 -1.08 -11.40
C GLN A 44 6.84 -0.24 -10.77
N PHE A 45 6.61 0.19 -9.53
CA PHE A 45 7.65 0.80 -8.72
C PHE A 45 7.81 -0.13 -7.54
N SER A 46 9.06 -0.36 -7.15
CA SER A 46 9.37 -1.14 -5.97
C SER A 46 9.55 -0.25 -4.76
N ARG A 47 9.28 -0.80 -3.57
CA ARG A 47 9.49 -0.06 -2.33
C ARG A 47 10.88 0.52 -2.34
N GLY A 48 10.98 1.81 -2.04
CA GLY A 48 12.25 2.51 -1.96
C GLY A 48 12.70 3.16 -3.26
N ASP A 49 12.03 2.86 -4.36
CA ASP A 49 12.41 3.43 -5.65
C ASP A 49 12.09 4.91 -5.73
N PHE A 50 12.95 5.65 -6.41
CA PHE A 50 12.71 7.04 -6.74
C PHE A 50 11.49 7.08 -7.65
N VAL A 51 10.60 8.00 -7.37
CA VAL A 51 9.45 8.20 -8.23
C VAL A 51 9.62 9.49 -9.03
N VAL A 52 9.72 10.62 -8.32
CA VAL A 52 9.81 11.90 -9.01
C VAL A 52 10.21 12.99 -8.03
N GLU A 53 10.80 14.08 -8.54
CA GLU A 53 11.10 15.24 -7.71
C GLU A 53 9.87 16.17 -7.60
N TYR A 54 9.68 16.81 -6.44
CA TYR A 54 8.71 17.90 -6.31
C TYR A 54 9.50 19.15 -6.75
N HIS A 55 9.43 19.44 -8.04
CA HIS A 55 10.24 20.46 -8.67
C HIS A 55 9.52 21.80 -8.72
N GLY A 56 10.23 22.88 -8.41
CA GLY A 56 9.69 24.22 -8.45
C GLY A 56 10.77 25.22 -8.07
N ASP A 57 10.35 26.42 -7.69
CA ASP A 57 11.29 27.46 -7.31
C ASP A 57 11.61 27.34 -5.83
N LEU A 58 12.87 27.17 -5.51
CA LEU A 58 13.33 27.13 -4.13
C LEU A 58 13.47 28.54 -3.57
N ILE A 59 12.70 28.81 -2.52
CA ILE A 59 12.71 30.11 -1.85
C ILE A 59 12.77 29.98 -0.33
N GLU A 60 13.06 31.10 0.35
CA GLU A 60 13.12 31.17 1.81
C GLU A 60 11.75 31.46 2.39
N ILE A 61 11.58 31.15 3.67
CA ILE A 61 10.27 31.25 4.30
C ILE A 61 9.64 32.65 4.25
N THR A 62 10.42 33.70 4.44
CA THR A 62 9.83 35.04 4.43
C THR A 62 9.27 35.37 3.03
N ASP A 63 10.04 35.03 2.00
CA ASP A 63 9.58 35.21 0.62
C ASP A 63 8.38 34.31 0.33
N ALA A 64 8.40 33.09 0.85
CA ALA A 64 7.29 32.18 0.62
C ALA A 64 5.98 32.72 1.21
N LYS A 65 6.04 33.29 2.40
CA LYS A 65 4.86 33.85 3.04
C LYS A 65 4.24 34.93 2.16
N LYS A 66 5.10 35.77 1.61
CA LYS A 66 4.64 36.88 0.77
C LYS A 66 3.93 36.33 -0.46
N ARG A 67 4.56 35.37 -1.12
CA ARG A 67 3.98 34.78 -2.32
C ARG A 67 2.63 34.13 -2.00
N GLU A 68 2.59 33.35 -0.94
CA GLU A 68 1.38 32.64 -0.53
C GLU A 68 0.21 33.63 -0.40
N ALA A 69 0.49 34.81 0.14
CA ALA A 69 -0.56 35.82 0.30
C ALA A 69 -1.02 36.35 -1.05
N LEU A 70 -0.06 36.57 -1.94
CA LEU A 70 -0.37 37.05 -3.28
C LEU A 70 -1.20 36.04 -4.07
N TYR A 71 -0.81 34.78 -4.04
CA TYR A 71 -1.54 33.74 -4.75
C TYR A 71 -2.96 33.61 -4.23
N ALA A 72 -3.15 33.85 -2.94
CA ALA A 72 -4.46 33.73 -2.31
C ALA A 72 -5.43 34.77 -2.84
N GLN A 73 -4.90 35.86 -3.41
CA GLN A 73 -5.73 36.90 -3.98
C GLN A 73 -6.34 36.47 -5.33
N ASP A 74 -5.86 35.35 -5.88
CA ASP A 74 -6.36 34.86 -7.16
C ASP A 74 -6.99 33.47 -7.03
N PRO A 75 -8.32 33.38 -7.09
CA PRO A 75 -8.99 32.08 -6.93
C PRO A 75 -8.62 31.06 -8.01
N SER A 76 -8.08 31.53 -9.13
CA SER A 76 -7.67 30.67 -10.23
C SER A 76 -6.31 29.99 -9.99
N THR A 77 -5.53 30.50 -9.05
CA THR A 77 -4.24 29.92 -8.73
C THR A 77 -4.38 28.88 -7.64
N GLY A 78 -3.81 27.71 -7.84
CA GLY A 78 -3.88 26.64 -6.87
C GLY A 78 -2.86 26.76 -5.75
N CYS A 79 -2.77 25.70 -4.95
CA CYS A 79 -1.89 25.65 -3.77
C CYS A 79 -0.77 24.65 -3.99
N TYR A 80 0.42 25.18 -4.28
CA TYR A 80 1.57 24.36 -4.67
C TYR A 80 2.83 24.63 -3.86
N MET A 81 2.71 25.26 -2.70
CA MET A 81 3.87 25.55 -1.85
C MET A 81 4.19 24.40 -0.92
N TYR A 82 5.46 24.00 -0.84
CA TYR A 82 5.89 22.87 -0.02
C TYR A 82 7.03 23.32 0.89
N TYR A 83 6.71 23.51 2.16
CA TYR A 83 7.65 24.00 3.15
C TYR A 83 8.42 22.84 3.76
N PHE A 84 9.66 23.10 4.14
CA PHE A 84 10.52 22.08 4.75
C PHE A 84 11.70 22.75 5.45
N GLN A 85 12.34 21.99 6.33
CA GLN A 85 13.48 22.46 7.10
C GLN A 85 14.77 21.94 6.46
N TYR A 86 15.77 22.79 6.37
CA TYR A 86 17.08 22.39 5.86
C TYR A 86 18.15 23.25 6.54
N LEU A 87 19.13 22.60 7.17
CA LEU A 87 20.24 23.33 7.81
C LEU A 87 19.78 24.47 8.69
N SER A 88 18.84 24.18 9.59
CA SER A 88 18.40 25.15 10.60
C SER A 88 17.55 26.29 10.07
N LYS A 89 17.11 26.21 8.82
CA LYS A 89 16.23 27.21 8.26
C LYS A 89 15.05 26.56 7.55
N THR A 90 14.03 27.35 7.28
CA THR A 90 12.84 26.89 6.59
C THR A 90 12.88 27.42 5.18
N TYR A 91 12.64 26.51 4.24
CA TYR A 91 12.59 26.81 2.84
C TYR A 91 11.25 26.33 2.28
N CYS A 92 11.01 26.63 1.02
CA CYS A 92 9.79 26.27 0.37
C CYS A 92 10.08 26.02 -1.09
N VAL A 93 9.49 24.96 -1.62
CA VAL A 93 9.51 24.73 -3.06
C VAL A 93 8.18 25.26 -3.57
N ASP A 94 8.25 26.28 -4.40
CA ASP A 94 7.07 26.92 -4.94
C ASP A 94 6.82 26.38 -6.33
N ALA A 95 5.87 25.46 -6.45
CA ALA A 95 5.59 24.82 -7.73
C ALA A 95 4.31 25.39 -8.39
N THR A 96 4.01 26.65 -8.10
CA THR A 96 2.75 27.24 -8.57
C THR A 96 2.70 27.39 -10.07
N ARG A 97 3.82 27.77 -10.67
CA ARG A 97 3.84 27.94 -12.12
C ARG A 97 3.57 26.62 -12.87
N GLU A 98 2.76 26.68 -13.91
CA GLU A 98 2.43 25.52 -14.72
C GLU A 98 3.65 25.18 -15.58
N THR A 99 4.21 24.01 -15.33
CA THR A 99 5.35 23.47 -16.09
C THR A 99 4.95 22.07 -16.54
N ASN A 100 5.87 21.38 -17.21
CA ASN A 100 5.62 20.01 -17.66
C ASN A 100 5.95 18.99 -16.57
N ARG A 101 6.40 19.45 -15.42
CA ARG A 101 6.85 18.55 -14.35
C ARG A 101 5.67 17.91 -13.63
N LEU A 102 5.80 16.62 -13.32
CA LEU A 102 4.68 15.86 -12.77
C LEU A 102 4.51 15.84 -11.26
N GLY A 103 5.58 16.08 -10.51
CA GLY A 103 5.52 16.00 -9.07
C GLY A 103 4.44 16.89 -8.48
N ARG A 104 4.27 18.06 -9.06
CA ARG A 104 3.33 19.06 -8.58
C ARG A 104 1.89 18.66 -8.81
N LEU A 105 1.66 17.62 -9.62
CA LEU A 105 0.29 17.19 -9.91
C LEU A 105 -0.15 16.00 -9.08
N ILE A 106 0.72 15.51 -8.21
CA ILE A 106 0.38 14.36 -7.40
C ILE A 106 -0.51 14.78 -6.23
N ASN A 107 -1.58 14.02 -6.04
CA ASN A 107 -2.58 14.30 -5.04
C ASN A 107 -2.25 13.74 -3.65
N HIS A 108 -3.07 14.11 -2.68
CA HIS A 108 -2.88 13.81 -1.26
C HIS A 108 -3.64 12.59 -0.77
N SER A 109 -3.02 11.87 0.14
CA SER A 109 -3.69 10.82 0.94
C SER A 109 -2.84 10.54 2.17
N LYS A 110 -3.51 10.12 3.23
CA LYS A 110 -2.82 9.65 4.43
C LYS A 110 -2.53 8.15 4.33
N CYS A 111 -3.04 7.47 3.30
CA CYS A 111 -2.68 6.06 3.07
C CYS A 111 -2.14 5.93 1.66
N GLY A 112 -1.23 6.85 1.35
CA GLY A 112 -0.58 6.94 0.07
C GLY A 112 0.44 5.86 -0.18
N ASN A 113 1.12 5.99 -1.31
CA ASN A 113 2.10 5.01 -1.75
C ASN A 113 3.46 5.64 -1.98
N CYS A 114 3.57 6.94 -1.73
CA CYS A 114 4.85 7.65 -1.82
C CYS A 114 5.12 8.41 -0.52
N GLN A 115 6.40 8.65 -0.25
CA GLN A 115 6.87 9.39 0.91
C GLN A 115 7.87 10.45 0.46
N THR A 116 7.69 11.68 0.94
CA THR A 116 8.61 12.76 0.60
C THR A 116 9.87 12.69 1.45
N LYS A 117 11.01 12.88 0.78
CA LYS A 117 12.29 12.88 1.42
C LYS A 117 13.08 14.11 0.97
N LEU A 118 13.95 14.59 1.86
CA LEU A 118 14.88 15.65 1.52
C LEU A 118 16.18 15.01 1.02
N HIS A 119 16.62 15.44 -0.16
CA HIS A 119 17.87 14.98 -0.73
C HIS A 119 18.69 16.18 -1.18
N ASP A 120 19.86 16.36 -0.60
CA ASP A 120 20.69 17.50 -0.97
C ASP A 120 21.75 17.12 -1.97
N ILE A 121 21.99 18.00 -2.92
CA ILE A 121 23.04 17.82 -3.91
C ILE A 121 23.95 19.04 -3.76
N ASP A 122 25.16 18.86 -3.27
CA ASP A 122 26.11 19.94 -3.08
C ASP A 122 25.51 21.24 -2.54
N GLY A 123 24.78 21.12 -1.43
CA GLY A 123 24.26 22.27 -0.70
C GLY A 123 22.89 22.76 -1.12
N VAL A 124 22.34 22.16 -2.16
CA VAL A 124 21.02 22.55 -2.64
C VAL A 124 20.05 21.43 -2.29
N PRO A 125 19.04 21.73 -1.49
CA PRO A 125 18.05 20.74 -1.14
C PRO A 125 17.05 20.49 -2.25
N HIS A 126 16.64 19.25 -2.38
CA HIS A 126 15.60 18.84 -3.32
C HIS A 126 14.60 17.99 -2.55
N LEU A 127 13.33 18.13 -2.89
CA LEU A 127 12.28 17.28 -2.31
C LEU A 127 11.98 16.21 -3.34
N ILE A 128 12.05 14.96 -2.92
CA ILE A 128 11.77 13.85 -3.82
C ILE A 128 10.74 12.94 -3.21
N LEU A 129 10.02 12.26 -4.08
CA LEU A 129 9.08 11.24 -3.66
C LEU A 129 9.66 9.89 -3.95
N ILE A 130 9.62 9.03 -2.96
CA ILE A 130 10.07 7.65 -3.06
C ILE A 130 8.86 6.75 -2.79
N ALA A 131 8.81 5.58 -3.42
CA ALA A 131 7.74 4.63 -3.17
C ALA A 131 7.84 4.07 -1.77
N SER A 132 6.72 4.08 -1.03
CA SER A 132 6.66 3.60 0.32
C SER A 132 6.23 2.14 0.38
N ARG A 133 5.88 1.59 -0.77
CA ARG A 133 5.45 0.22 -0.89
C ARG A 133 5.52 -0.12 -2.39
N ASP A 134 5.40 -1.38 -2.75
CA ASP A 134 5.35 -1.73 -4.16
C ASP A 134 4.08 -1.09 -4.76
N ILE A 135 4.25 -0.44 -5.92
CA ILE A 135 3.15 0.23 -6.63
C ILE A 135 2.93 -0.44 -7.96
N ALA A 136 1.69 -0.80 -8.25
CA ALA A 136 1.30 -1.42 -9.51
C ALA A 136 0.93 -0.41 -10.59
N ALA A 137 1.17 -0.79 -11.84
CA ALA A 137 0.75 0.01 -12.96
C ALA A 137 -0.75 0.25 -12.84
N GLY A 138 -1.15 1.49 -13.08
CA GLY A 138 -2.54 1.86 -12.98
C GLY A 138 -2.93 2.52 -11.68
N GLU A 139 -2.09 2.44 -10.67
CA GLU A 139 -2.41 3.09 -9.40
C GLU A 139 -2.12 4.58 -9.43
N GLU A 140 -3.00 5.35 -8.80
CA GLU A 140 -2.74 6.76 -8.60
C GLU A 140 -1.64 6.91 -7.55
N LEU A 141 -0.65 7.76 -7.87
CA LEU A 141 0.38 8.12 -6.91
C LEU A 141 -0.19 9.12 -5.91
N LEU A 142 0.12 8.94 -4.64
CA LEU A 142 -0.43 9.76 -3.57
C LEU A 142 0.53 9.83 -2.40
N TYR A 143 0.59 10.99 -1.75
CA TYR A 143 1.44 11.13 -0.55
C TYR A 143 0.74 12.09 0.42
N ASP A 144 1.24 12.15 1.64
CA ASP A 144 0.64 12.97 2.68
C ASP A 144 1.19 14.39 2.55
N TYR A 145 0.31 15.34 2.17
CA TYR A 145 0.70 16.74 2.02
C TYR A 145 1.23 17.33 3.34
N GLY A 146 0.82 16.77 4.47
CA GLY A 146 1.34 17.20 5.76
C GLY A 146 0.71 18.43 6.40
N ASP A 147 -0.24 19.08 5.72
CA ASP A 147 -0.93 20.25 6.27
C ASP A 147 -2.02 19.82 7.25
N ARG A 148 -1.78 20.06 8.54
CA ARG A 148 -2.71 19.69 9.58
C ARG A 148 -3.44 20.90 10.19
N SER A 149 -3.32 22.06 9.53
CA SER A 149 -3.94 23.29 10.02
C SER A 149 -5.46 23.22 10.07
N LYS A 150 -6.06 23.72 11.16
CA LYS A 150 -7.50 23.73 11.30
C LYS A 150 -8.16 24.46 10.12
N ALA A 151 -7.59 25.61 9.75
CA ALA A 151 -8.15 26.43 8.67
C ALA A 151 -8.12 25.69 7.35
N SER A 152 -7.01 25.00 7.12
CA SER A 152 -6.83 24.25 5.89
C SER A 152 -7.81 23.10 5.84
N ILE A 153 -7.93 22.37 6.94
CA ILE A 153 -8.84 21.23 6.99
C ILE A 153 -10.31 21.66 6.89
N GLU A 154 -10.63 22.81 7.45
CA GLU A 154 -11.99 23.36 7.37
C GLU A 154 -12.34 23.65 5.92
N ALA A 155 -11.40 24.23 5.19
CA ALA A 155 -11.61 24.57 3.80
C ALA A 155 -11.45 23.37 2.87
N HIS A 156 -10.70 22.37 3.32
CA HIS A 156 -10.39 21.20 2.49
C HIS A 156 -10.44 19.94 3.33
N PRO A 157 -11.65 19.43 3.57
CA PRO A 157 -11.81 18.26 4.42
C PRO A 157 -11.08 17.02 3.95
N TRP A 158 -10.74 16.96 2.67
CA TRP A 158 -9.99 15.83 2.12
C TRP A 158 -8.59 15.72 2.74
N LEU A 159 -8.11 16.78 3.40
CA LEU A 159 -6.78 16.74 4.03
C LEU A 159 -6.74 15.79 5.22
N LYS A 160 -7.91 15.45 5.73
CA LYS A 160 -8.00 14.58 6.89
C LYS A 160 -7.90 13.10 6.54
N HIS A 161 -7.92 12.76 5.26
CA HIS A 161 -7.94 11.36 4.86
C HIS A 161 -6.79 10.99 3.94
N ARG B 1 -7.77 27.44 1.08
CA ARG B 1 -6.30 27.40 0.78
C ARG B 1 -5.58 26.49 1.75
N HIS B 2 -4.59 25.76 1.26
CA HIS B 2 -3.69 25.02 2.10
C HIS B 2 -2.24 25.12 1.59
N ARG B 3 -1.36 24.43 2.27
CA ARG B 3 0.01 24.28 1.83
C ARG B 3 0.41 22.80 1.95
N MLZ B 4 1.71 22.51 1.87
CA MLZ B 4 2.31 21.22 2.13
CB MLZ B 4 2.81 20.55 0.85
CG MLZ B 4 1.73 20.30 -0.19
CD MLZ B 4 2.32 19.88 -1.55
CE MLZ B 4 1.17 20.12 -2.52
NZ MLZ B 4 1.41 20.15 -3.91
CM MLZ B 4 0.29 20.20 -4.81
C MLZ B 4 3.48 21.50 3.04
O MLZ B 4 4.11 22.53 2.94
N VAL B 5 3.63 20.42 3.98
CA VAL B 5 4.76 20.60 4.97
C VAL B 5 5.43 19.26 5.13
N LEU B 6 6.75 19.23 4.93
CA LEU B 6 7.55 18.04 5.24
C LEU B 6 7.88 17.88 6.73
N ARG B 7 7.65 16.67 7.23
CA ARG B 7 7.99 16.31 8.61
C ARG B 7 9.17 15.32 8.68
N ASP B 8 10.21 15.72 9.40
CA ASP B 8 11.44 14.97 9.72
C ASP B 8 11.58 13.50 9.28
N ASN B 9 12.52 13.25 8.36
CA ASN B 9 12.82 11.92 7.86
C ASN B 9 14.32 11.82 7.57
N TYR B 10 15.12 12.16 8.56
CA TYR B 10 16.57 12.21 8.37
C TYR B 10 17.14 10.91 7.83
N ARG C 1 -16.10 3.59 27.21
CA ARG C 1 -16.43 3.26 25.79
C ARG C 1 -17.37 2.24 25.60
N LYS C 2 -18.61 2.48 25.87
CA LYS C 2 -19.35 1.34 25.65
C LYS C 2 -18.47 0.69 26.73
N SER C 3 -18.33 -0.61 26.72
CA SER C 3 -17.50 -1.23 27.71
C SER C 3 -16.60 -2.22 27.01
N LYS C 4 -15.54 -2.66 27.66
CA LYS C 4 -14.65 -3.63 27.04
C LYS C 4 -15.50 -4.74 26.44
N ALA C 5 -16.13 -5.52 27.31
CA ALA C 5 -17.00 -6.60 26.89
C ALA C 5 -17.92 -6.12 25.77
N GLU C 6 -18.35 -4.87 25.85
CA GLU C 6 -19.25 -4.31 24.84
C GLU C 6 -18.57 -4.20 23.48
N LEU C 7 -17.32 -3.75 23.49
CA LEU C 7 -16.54 -3.61 22.26
C LEU C 7 -16.37 -4.97 21.58
N GLN C 8 -16.08 -6.02 22.35
CA GLN C 8 -15.86 -7.34 21.72
C GLN C 8 -17.13 -8.15 21.54
N SER C 9 -18.22 -7.71 22.14
CA SER C 9 -19.51 -8.30 21.82
C SER C 9 -19.84 -7.84 20.39
N GLU C 10 -19.72 -6.54 20.17
CA GLU C 10 -20.04 -5.93 18.89
C GLU C 10 -19.06 -6.38 17.80
N GLU C 11 -17.80 -6.54 18.17
CA GLU C 11 -16.77 -6.97 17.22
C GLU C 11 -16.98 -8.42 16.79
N ARG C 12 -17.17 -9.30 17.76
CA ARG C 12 -17.37 -10.70 17.45
C ARG C 12 -18.61 -10.84 16.57
N LYS C 13 -19.68 -10.17 16.98
CA LYS C 13 -20.93 -10.21 16.22
C LYS C 13 -20.71 -9.71 14.80
N ARG C 14 -19.87 -8.69 14.65
CA ARG C 14 -19.61 -8.10 13.36
C ARG C 14 -18.89 -9.08 12.43
N ILE C 15 -17.85 -9.73 12.95
CA ILE C 15 -17.08 -10.69 12.16
C ILE C 15 -17.90 -11.96 11.91
N ASP C 16 -18.59 -12.44 12.93
CA ASP C 16 -19.41 -13.64 12.79
C ASP C 16 -20.45 -13.41 11.68
N GLU C 17 -21.07 -12.24 11.70
CA GLU C 17 -22.06 -11.88 10.70
C GLU C 17 -21.46 -11.92 9.30
N LEU C 18 -20.25 -11.41 9.15
CA LEU C 18 -19.63 -11.39 7.84
C LEU C 18 -19.24 -12.79 7.38
N ILE C 19 -18.77 -13.61 8.31
CA ILE C 19 -18.41 -14.99 7.95
C ILE C 19 -19.66 -15.75 7.50
N GLU C 20 -20.72 -15.64 8.29
CA GLU C 20 -21.98 -16.36 8.03
C GLU C 20 -22.66 -15.95 6.74
N SER C 21 -22.60 -14.66 6.42
CA SER C 21 -23.27 -14.13 5.25
C SER C 21 -22.46 -14.31 3.99
N GLY C 22 -21.15 -14.45 4.14
CA GLY C 22 -20.26 -14.53 3.00
C GLY C 22 -20.20 -13.22 2.22
N LYS C 23 -20.65 -12.11 2.81
CA LYS C 23 -20.60 -10.83 2.13
C LYS C 23 -19.14 -10.44 1.89
N GLU C 24 -18.79 -10.19 0.64
CA GLU C 24 -17.43 -9.81 0.26
C GLU C 24 -17.42 -8.49 -0.52
N GLU C 25 -17.74 -7.40 0.18
CA GLU C 25 -17.81 -6.07 -0.41
C GLU C 25 -16.48 -5.34 -0.43
N GLY C 26 -16.35 -4.42 -1.38
CA GLY C 26 -15.18 -3.55 -1.45
C GLY C 26 -13.99 -4.14 -2.16
N MET C 27 -14.21 -5.15 -2.99
CA MET C 27 -13.13 -5.86 -3.67
C MET C 27 -13.54 -6.23 -5.08
N LYS C 28 -12.56 -6.30 -5.95
CA LYS C 28 -12.75 -6.67 -7.33
C LYS C 28 -11.53 -7.48 -7.80
N ILE C 29 -11.74 -8.35 -8.76
CA ILE C 29 -10.64 -9.12 -9.36
C ILE C 29 -10.07 -8.33 -10.54
N ASP C 30 -8.74 -8.40 -10.70
CA ASP C 30 -8.06 -7.78 -11.83
C ASP C 30 -6.86 -8.64 -12.20
N LEU C 31 -6.29 -8.42 -13.40
CA LEU C 31 -5.07 -9.11 -13.81
C LEU C 31 -3.91 -8.23 -13.32
N ILE C 32 -2.98 -8.83 -12.58
CA ILE C 32 -1.84 -8.10 -12.03
C ILE C 32 -0.57 -8.61 -12.69
N ASP C 33 0.26 -7.69 -13.17
CA ASP C 33 1.48 -8.04 -13.91
C ASP C 33 2.35 -8.99 -13.11
N GLY C 34 2.64 -10.17 -13.68
CA GLY C 34 3.47 -11.17 -13.02
C GLY C 34 2.84 -12.03 -11.95
N LYS C 35 1.54 -11.90 -11.71
CA LYS C 35 0.91 -12.68 -10.64
C LYS C 35 -0.34 -13.45 -11.07
N GLY C 36 -0.86 -13.15 -12.26
CA GLY C 36 -2.11 -13.74 -12.69
C GLY C 36 -3.25 -12.87 -12.22
N ARG C 37 -4.27 -13.48 -11.63
CA ARG C 37 -5.37 -12.71 -11.07
C ARG C 37 -4.96 -12.23 -9.68
N GLY C 38 -5.56 -11.12 -9.26
CA GLY C 38 -5.39 -10.64 -7.91
C GLY C 38 -6.64 -9.91 -7.51
N VAL C 39 -6.70 -9.49 -6.26
CA VAL C 39 -7.87 -8.80 -5.74
C VAL C 39 -7.46 -7.38 -5.34
N ILE C 40 -8.21 -6.41 -5.85
CA ILE C 40 -7.96 -5.00 -5.61
C ILE C 40 -9.06 -4.40 -4.74
N ALA C 41 -8.68 -3.55 -3.80
CA ALA C 41 -9.65 -2.84 -2.98
C ALA C 41 -10.40 -1.78 -3.81
N THR C 42 -11.74 -1.76 -3.70
CA THR C 42 -12.55 -0.75 -4.40
C THR C 42 -13.06 0.34 -3.44
N LYS C 43 -12.71 0.19 -2.16
CA LYS C 43 -13.04 1.17 -1.14
C LYS C 43 -11.85 1.16 -0.19
N GLN C 44 -11.70 2.19 0.64
CA GLN C 44 -10.66 2.17 1.65
C GLN C 44 -11.06 1.20 2.77
N PHE C 45 -10.07 0.45 3.27
CA PHE C 45 -10.24 -0.42 4.43
C PHE C 45 -9.43 0.22 5.53
N SER C 46 -9.93 0.16 6.74
CA SER C 46 -9.22 0.72 7.89
C SER C 46 -8.50 -0.41 8.60
N ARG C 47 -7.37 -0.09 9.24
CA ARG C 47 -6.64 -1.06 10.01
C ARG C 47 -7.59 -1.79 10.96
N GLY C 48 -7.50 -3.11 10.98
CA GLY C 48 -8.34 -3.93 11.83
C GLY C 48 -9.62 -4.41 11.19
N ASP C 49 -9.99 -3.81 10.07
CA ASP C 49 -11.23 -4.20 9.40
C ASP C 49 -11.14 -5.62 8.88
N PHE C 50 -12.27 -6.31 8.94
CA PHE C 50 -12.42 -7.60 8.28
C PHE C 50 -12.35 -7.33 6.77
N VAL C 51 -11.58 -8.15 6.06
CA VAL C 51 -11.48 -8.05 4.62
C VAL C 51 -12.26 -9.19 3.95
N VAL C 52 -11.86 -10.42 4.23
CA VAL C 52 -12.48 -11.58 3.60
C VAL C 52 -12.09 -12.87 4.34
N GLU C 53 -12.90 -13.92 4.17
CA GLU C 53 -12.56 -15.22 4.70
C GLU C 53 -11.74 -15.96 3.65
N TYR C 54 -10.78 -16.77 4.08
CA TYR C 54 -10.11 -17.67 3.13
C TYR C 54 -11.00 -18.90 3.15
N HIS C 55 -11.96 -18.94 2.22
CA HIS C 55 -13.01 -19.96 2.20
C HIS C 55 -12.67 -21.13 1.29
N GLY C 56 -12.95 -22.33 1.77
CA GLY C 56 -12.73 -23.53 0.98
C GLY C 56 -13.27 -24.70 1.75
N ASP C 57 -12.81 -25.90 1.42
CA ASP C 57 -13.25 -27.06 2.17
C ASP C 57 -12.24 -27.41 3.28
N LEU C 58 -12.76 -27.50 4.50
CA LEU C 58 -11.96 -27.78 5.69
C LEU C 58 -11.72 -29.28 5.85
N ILE C 59 -10.44 -29.67 5.87
CA ILE C 59 -10.05 -31.07 5.94
C ILE C 59 -8.89 -31.28 6.93
N GLU C 60 -8.65 -32.53 7.33
CA GLU C 60 -7.55 -32.82 8.23
C GLU C 60 -6.29 -33.12 7.45
N ILE C 61 -5.18 -33.22 8.16
CA ILE C 61 -3.87 -33.37 7.52
C ILE C 61 -3.69 -34.57 6.61
N THR C 62 -4.19 -35.74 6.97
CA THR C 62 -3.95 -36.91 6.13
C THR C 62 -4.64 -36.75 4.78
N ASP C 63 -5.87 -36.23 4.80
CA ASP C 63 -6.60 -35.96 3.57
C ASP C 63 -5.89 -34.87 2.77
N ALA C 64 -5.43 -33.83 3.45
CA ALA C 64 -4.76 -32.71 2.80
C ALA C 64 -3.52 -33.17 2.01
N LYS C 65 -2.71 -34.00 2.64
CA LYS C 65 -1.54 -34.54 1.97
C LYS C 65 -1.92 -35.33 0.72
N LYS C 66 -2.93 -36.17 0.83
CA LYS C 66 -3.41 -36.96 -0.30
C LYS C 66 -3.80 -36.06 -1.46
N ARG C 67 -4.57 -35.02 -1.15
CA ARG C 67 -5.00 -34.07 -2.15
C ARG C 67 -3.82 -33.30 -2.71
N GLU C 68 -2.94 -32.82 -1.83
CA GLU C 68 -1.79 -32.02 -2.26
C GLU C 68 -0.93 -32.80 -3.24
N ALA C 69 -0.92 -34.13 -3.11
CA ALA C 69 -0.17 -34.99 -4.02
C ALA C 69 -0.93 -35.17 -5.33
N LEU C 70 -2.25 -35.29 -5.26
CA LEU C 70 -3.06 -35.47 -6.46
C LEU C 70 -3.07 -34.20 -7.31
N TYR C 71 -3.16 -33.04 -6.65
CA TYR C 71 -3.19 -31.75 -7.34
C TYR C 71 -1.89 -31.48 -8.10
N ALA C 72 -0.78 -31.94 -7.52
CA ALA C 72 0.55 -31.74 -8.10
C ALA C 72 0.71 -32.42 -9.46
N GLN C 73 -0.08 -33.46 -9.71
CA GLN C 73 0.01 -34.19 -10.98
C GLN C 73 -0.80 -33.47 -12.07
N ASP C 74 -1.38 -32.32 -11.73
CA ASP C 74 -2.20 -31.58 -12.67
C ASP C 74 -1.81 -30.11 -12.74
N PRO C 75 -1.02 -29.74 -13.75
CA PRO C 75 -0.58 -28.36 -13.93
C PRO C 75 -1.71 -27.33 -14.10
N SER C 76 -2.90 -27.78 -14.46
CA SER C 76 -4.05 -26.88 -14.59
C SER C 76 -4.59 -26.46 -13.21
N THR C 77 -4.30 -27.25 -12.19
CA THR C 77 -4.72 -26.94 -10.82
C THR C 77 -3.66 -26.14 -10.11
N GLY C 78 -4.10 -25.07 -9.49
CA GLY C 78 -3.19 -24.21 -8.76
C GLY C 78 -2.98 -24.71 -7.35
N CYS C 79 -2.29 -23.89 -6.56
CA CYS C 79 -1.92 -24.21 -5.18
C CYS C 79 -2.75 -23.36 -4.23
N TYR C 80 -3.78 -23.97 -3.64
CA TYR C 80 -4.71 -23.23 -2.82
C TYR C 80 -4.92 -23.85 -1.43
N MET C 81 -3.97 -24.64 -0.97
CA MET C 81 -4.11 -25.31 0.33
C MET C 81 -3.54 -24.42 1.42
N TYR C 82 -4.28 -24.21 2.50
CA TYR C 82 -3.85 -23.35 3.60
C TYR C 82 -3.89 -24.12 4.91
N TYR C 83 -2.71 -24.50 5.40
CA TYR C 83 -2.57 -25.29 6.61
C TYR C 83 -2.52 -24.42 7.84
N PHE C 84 -3.05 -24.96 8.94
CA PHE C 84 -3.03 -24.26 10.21
C PHE C 84 -3.24 -25.22 11.37
N GLN C 85 -2.89 -24.78 12.56
CA GLN C 85 -3.05 -25.56 13.77
C GLN C 85 -4.24 -25.07 14.57
N TYR C 86 -4.99 -26.01 15.11
CA TYR C 86 -6.16 -25.72 15.89
C TYR C 86 -6.35 -26.90 16.83
N LEU C 87 -6.44 -26.63 18.12
CA LEU C 87 -6.69 -27.68 19.11
C LEU C 87 -5.77 -28.90 18.98
N SER C 88 -4.47 -28.64 18.82
CA SER C 88 -3.44 -29.67 18.77
C SER C 88 -3.46 -30.57 17.55
N LYS C 89 -4.11 -30.12 16.49
CA LYS C 89 -4.13 -30.88 15.26
C LYS C 89 -3.88 -29.93 14.11
N THR C 90 -3.51 -30.49 12.96
CA THR C 90 -3.30 -29.70 11.76
C THR C 90 -4.50 -29.87 10.86
N TYR C 91 -5.02 -28.74 10.43
CA TYR C 91 -6.12 -28.71 9.46
C TYR C 91 -5.69 -27.94 8.23
N CYS C 92 -6.52 -28.00 7.21
CA CYS C 92 -6.22 -27.33 5.97
C CYS C 92 -7.49 -26.83 5.34
N VAL C 93 -7.48 -25.59 4.89
CA VAL C 93 -8.58 -25.09 4.08
C VAL C 93 -8.16 -25.31 2.62
N ASP C 94 -8.85 -26.20 1.94
CA ASP C 94 -8.55 -26.50 0.55
C ASP C 94 -9.46 -25.64 -0.32
N ALA C 95 -8.89 -24.62 -0.97
CA ALA C 95 -9.68 -23.71 -1.81
C ALA C 95 -9.37 -23.92 -3.28
N THR C 96 -9.05 -25.16 -3.63
CA THR C 96 -8.64 -25.46 -4.99
C THR C 96 -9.74 -25.27 -6.02
N ARG C 97 -10.96 -25.62 -5.65
CA ARG C 97 -12.04 -25.54 -6.59
C ARG C 97 -12.36 -24.09 -6.95
N GLU C 98 -12.57 -23.84 -8.23
CA GLU C 98 -12.94 -22.51 -8.67
C GLU C 98 -14.35 -22.21 -8.18
N THR C 99 -14.46 -21.14 -7.40
CA THR C 99 -15.72 -20.67 -6.87
C THR C 99 -15.78 -19.15 -7.02
N ASN C 100 -16.79 -18.54 -6.43
CA ASN C 100 -16.97 -17.09 -6.46
C ASN C 100 -16.26 -16.33 -5.37
N ARG C 101 -15.67 -17.08 -4.44
CA ARG C 101 -15.05 -16.53 -3.27
C ARG C 101 -13.74 -15.86 -3.62
N LEU C 102 -13.49 -14.67 -3.07
CA LEU C 102 -12.32 -13.89 -3.44
C LEU C 102 -11.06 -14.15 -2.63
N GLY C 103 -11.18 -14.68 -1.42
CA GLY C 103 -10.02 -14.87 -0.57
C GLY C 103 -8.91 -15.68 -1.23
N ARG C 104 -9.33 -16.73 -1.96
CA ARG C 104 -8.41 -17.65 -2.60
C ARG C 104 -7.63 -17.01 -3.76
N LEU C 105 -8.03 -15.81 -4.18
CA LEU C 105 -7.37 -15.13 -5.29
C LEU C 105 -6.40 -14.07 -4.85
N ILE C 106 -6.29 -13.85 -3.56
CA ILE C 106 -5.38 -12.84 -3.03
C ILE C 106 -3.93 -13.32 -3.11
N ASN C 107 -3.06 -12.45 -3.63
CA ASN C 107 -1.64 -12.75 -3.80
C ASN C 107 -0.78 -12.53 -2.55
N HIS C 108 0.48 -12.95 -2.66
CA HIS C 108 1.43 -12.97 -1.56
C HIS C 108 2.35 -11.76 -1.51
N SER C 109 2.60 -11.29 -0.30
CA SER C 109 3.73 -10.40 -0.01
C SER C 109 4.13 -10.59 1.45
N LYS C 110 5.43 -10.53 1.74
CA LYS C 110 5.89 -10.53 3.12
C LYS C 110 5.71 -9.13 3.73
N CYS C 111 5.42 -8.12 2.92
CA CYS C 111 5.14 -6.78 3.44
C CYS C 111 3.84 -6.29 2.82
N GLY C 112 2.80 -7.07 3.07
CA GLY C 112 1.48 -6.82 2.53
C GLY C 112 0.64 -5.87 3.38
N ASN C 113 -0.66 -5.97 3.20
CA ASN C 113 -1.56 -5.09 3.90
C ASN C 113 -2.67 -5.82 4.63
N CYS C 114 -2.62 -7.15 4.61
CA CYS C 114 -3.56 -8.01 5.33
C CYS C 114 -2.80 -9.05 6.15
N GLN C 115 -3.45 -9.54 7.19
CA GLN C 115 -2.90 -10.55 8.09
C GLN C 115 -3.97 -11.62 8.27
N THR C 116 -3.56 -12.89 8.23
CA THR C 116 -4.49 -13.98 8.45
C THR C 116 -4.59 -14.25 9.92
N LYS C 117 -5.83 -14.46 10.36
CA LYS C 117 -6.15 -14.77 11.74
C LYS C 117 -7.02 -16.02 11.78
N LEU C 118 -6.87 -16.80 12.84
CA LEU C 118 -7.75 -17.92 13.08
C LEU C 118 -8.91 -17.37 13.90
N HIS C 119 -10.13 -17.51 13.40
CA HIS C 119 -11.33 -17.04 14.06
C HIS C 119 -12.27 -18.21 14.23
N ASP C 120 -12.45 -18.67 15.45
CA ASP C 120 -13.33 -19.82 15.66
C ASP C 120 -14.75 -19.35 15.93
N ILE C 121 -15.71 -20.11 15.42
CA ILE C 121 -17.11 -19.86 15.69
C ILE C 121 -17.69 -21.16 16.23
N ASP C 122 -17.96 -21.21 17.52
CA ASP C 122 -18.57 -22.38 18.14
C ASP C 122 -17.71 -23.64 17.96
N GLY C 123 -16.40 -23.51 18.03
CA GLY C 123 -15.52 -24.66 17.88
C GLY C 123 -15.17 -25.01 16.44
N VAL C 124 -15.61 -24.21 15.48
CA VAL C 124 -15.30 -24.45 14.09
C VAL C 124 -14.35 -23.35 13.66
N PRO C 125 -13.15 -23.70 13.22
CA PRO C 125 -12.17 -22.68 12.83
C PRO C 125 -12.37 -22.12 11.44
N HIS C 126 -12.14 -20.82 11.32
CA HIS C 126 -12.17 -20.13 10.04
C HIS C 126 -10.92 -19.29 9.93
N LEU C 127 -10.35 -19.22 8.73
CA LEU C 127 -9.21 -18.35 8.47
C LEU C 127 -9.75 -17.07 7.86
N ILE C 128 -9.42 -15.94 8.46
CA ILE C 128 -9.91 -14.66 7.94
C ILE C 128 -8.73 -13.72 7.71
N LEU C 129 -8.90 -12.81 6.77
CA LEU C 129 -7.91 -11.79 6.51
C LEU C 129 -8.44 -10.50 7.10
N ILE C 130 -7.60 -9.85 7.88
CA ILE C 130 -7.87 -8.57 8.53
C ILE C 130 -6.88 -7.55 7.99
N ALA C 131 -7.31 -6.31 7.80
CA ALA C 131 -6.38 -5.29 7.31
C ALA C 131 -5.33 -4.98 8.38
N SER C 132 -4.04 -5.04 8.00
CA SER C 132 -2.95 -4.77 8.93
C SER C 132 -2.57 -3.29 9.00
N ARG C 133 -3.14 -2.51 8.08
CA ARG C 133 -2.96 -1.07 8.02
C ARG C 133 -4.10 -0.56 7.17
N ASP C 134 -4.24 0.77 7.08
CA ASP C 134 -5.25 1.34 6.18
C ASP C 134 -4.86 0.92 4.76
N ILE C 135 -5.85 0.50 3.97
CA ILE C 135 -5.64 0.08 2.60
C ILE C 135 -6.36 1.03 1.68
N ALA C 136 -5.64 1.59 0.72
CA ALA C 136 -6.23 2.55 -0.18
C ALA C 136 -7.06 1.89 -1.26
N ALA C 137 -8.11 2.59 -1.70
CA ALA C 137 -8.86 2.15 -2.85
C ALA C 137 -7.87 1.99 -4.00
N GLY C 138 -8.01 0.91 -4.76
CA GLY C 138 -7.17 0.69 -5.92
C GLY C 138 -5.92 -0.13 -5.68
N GLU C 139 -5.61 -0.35 -4.40
CA GLU C 139 -4.45 -1.10 -4.02
C GLU C 139 -4.75 -2.60 -4.05
N GLU C 140 -3.75 -3.40 -4.47
CA GLU C 140 -3.86 -4.86 -4.41
C GLU C 140 -3.81 -5.34 -2.96
N LEU C 141 -4.69 -6.27 -2.61
CA LEU C 141 -4.65 -6.91 -1.30
C LEU C 141 -3.54 -7.96 -1.34
N LEU C 142 -2.76 -8.04 -0.26
CA LEU C 142 -1.63 -8.97 -0.18
C LEU C 142 -1.38 -9.40 1.24
N TYR C 143 -0.99 -10.66 1.41
CA TYR C 143 -0.64 -11.18 2.75
C TYR C 143 0.48 -12.19 2.61
N ASP C 144 1.07 -12.55 3.73
CA ASP C 144 2.15 -13.49 3.76
C ASP C 144 1.60 -14.91 3.73
N TYR C 145 1.84 -15.62 2.63
CA TYR C 145 1.41 -17.02 2.48
C TYR C 145 2.03 -17.92 3.55
N GLY C 146 3.21 -17.56 4.04
CA GLY C 146 3.80 -18.31 5.15
C GLY C 146 4.56 -19.57 4.80
N ASP C 147 4.62 -19.90 3.53
CA ASP C 147 5.40 -21.06 3.08
C ASP C 147 6.86 -20.62 3.01
N ARG C 148 7.66 -21.19 3.91
CA ARG C 148 9.06 -20.82 4.03
C ARG C 148 9.97 -21.99 3.65
N SER C 149 9.37 -23.07 3.16
CA SER C 149 10.12 -24.26 2.78
C SER C 149 11.09 -23.97 1.64
N LYS C 150 12.29 -24.51 1.74
CA LYS C 150 13.28 -24.28 0.71
C LYS C 150 12.81 -24.83 -0.65
N ALA C 151 12.05 -25.92 -0.65
CA ALA C 151 11.52 -26.50 -1.88
C ALA C 151 10.52 -25.55 -2.56
N SER C 152 9.67 -24.92 -1.77
CA SER C 152 8.70 -23.99 -2.33
C SER C 152 9.38 -22.74 -2.85
N ILE C 153 10.30 -22.21 -2.08
CA ILE C 153 11.00 -20.98 -2.48
C ILE C 153 11.85 -21.16 -3.74
N GLU C 154 12.43 -22.34 -3.88
CA GLU C 154 13.21 -22.71 -5.04
C GLU C 154 12.38 -22.59 -6.31
N ALA C 155 11.15 -23.08 -6.23
CA ALA C 155 10.24 -23.08 -7.37
C ALA C 155 9.47 -21.76 -7.53
N HIS C 156 9.32 -21.03 -6.43
CA HIS C 156 8.54 -19.79 -6.42
C HIS C 156 9.29 -18.71 -5.67
N PRO C 157 10.26 -18.10 -6.34
CA PRO C 157 11.11 -17.12 -5.68
C PRO C 157 10.35 -15.93 -5.09
N TRP C 158 9.17 -15.61 -5.64
CA TRP C 158 8.34 -14.51 -5.14
C TRP C 158 7.90 -14.76 -3.68
N LEU C 159 8.05 -15.99 -3.18
CA LEU C 159 7.69 -16.29 -1.79
C LEU C 159 8.61 -15.52 -0.84
N LYS C 160 9.73 -15.04 -1.38
CA LYS C 160 10.64 -14.19 -0.64
C LYS C 160 10.22 -12.71 -0.74
N HIS C 161 9.41 -12.37 -1.74
CA HIS C 161 8.93 -10.98 -1.87
C HIS C 161 8.04 -10.67 -0.67
N ARG D 1 5.53 -26.00 -6.94
CA ARG D 1 4.37 -26.12 -6.02
C ARG D 1 4.68 -25.52 -4.66
N HIS D 2 3.67 -24.91 -4.06
CA HIS D 2 3.76 -24.45 -2.69
C HIS D 2 2.44 -24.64 -1.94
N ARG D 3 2.44 -24.20 -0.69
CA ARG D 3 1.24 -24.19 0.10
C ARG D 3 1.16 -22.84 0.80
N MLZ D 4 0.28 -22.74 1.78
CA MLZ D 4 0.18 -21.63 2.68
CB MLZ D 4 -1.08 -20.82 2.44
CG MLZ D 4 -1.10 -20.24 1.03
CD MLZ D 4 -2.45 -19.59 0.69
CE MLZ D 4 -2.46 -19.32 -0.82
NZ MLZ D 4 -3.73 -19.15 -1.45
CM MLZ D 4 -3.81 -19.00 -2.87
C MLZ D 4 0.16 -22.19 4.06
O MLZ D 4 -0.36 -23.26 4.28
N VAL D 5 0.72 -21.42 5.07
CA VAL D 5 0.86 -21.87 6.48
C VAL D 5 0.57 -20.69 7.40
N LEU D 6 -0.43 -20.83 8.27
CA LEU D 6 -0.69 -19.81 9.26
C LEU D 6 0.43 -19.71 10.30
N ARG D 7 0.98 -18.51 10.47
CA ARG D 7 2.03 -18.21 11.44
C ARG D 7 1.59 -17.01 12.28
N ASP D 8 0.98 -17.27 13.43
CA ASP D 8 0.39 -16.22 14.28
C ASP D 8 -0.37 -16.96 15.38
N ASN D 9 -1.68 -17.04 15.17
CA ASN D 9 -2.62 -17.92 15.87
C ASN D 9 -3.00 -17.89 17.36
N TYR D 10 -4.11 -18.59 17.58
CA TYR D 10 -4.82 -18.79 18.84
C TYR D 10 -6.17 -18.08 18.75
N SAH E . -5.15 18.00 -8.60
CA SAH E . -4.22 19.12 -8.85
CB SAH E . -2.78 18.65 -8.63
CG SAH E . -2.42 18.69 -7.16
SD SAH E . -2.26 20.39 -6.58
C SAH E . -4.38 19.74 -10.24
O SAH E . -3.71 20.77 -10.42
C5' SAH E . -3.30 20.29 -5.07
C4' SAH E . -4.80 20.32 -5.31
O4' SAH E . -5.23 19.07 -5.78
C3' SAH E . -5.62 20.59 -4.04
O3' SAH E . -5.64 21.95 -3.65
C2' SAH E . -6.93 20.00 -4.46
O2' SAH E . -7.64 20.87 -5.33
C1' SAH E . -6.49 18.76 -5.22
N9 SAH E . -6.33 17.58 -4.35
C8 SAH E . -5.16 16.94 -3.97
N7 SAH E . -5.45 15.88 -3.21
C5 SAH E . -6.82 15.80 -3.10
C6 SAH E . -7.63 14.91 -2.43
N6 SAH E . -7.18 13.88 -1.72
N1 SAH E . -8.98 15.15 -2.53
C2 SAH E . -9.50 16.21 -3.25
N3 SAH E . -8.70 17.10 -3.93
C4 SAH E . -7.37 16.86 -3.82
N SAH F . -2.97 -15.27 -8.83
CA SAH F . -3.75 -16.48 -8.55
CB SAH F . -4.56 -16.31 -7.29
CG SAH F . -3.74 -16.67 -6.06
SD SAH F . -3.39 -18.46 -6.01
C SAH F . -4.67 -16.80 -9.73
O SAH F . -4.58 -16.14 -10.76
C5' SAH F . -1.59 -18.48 -5.77
C4' SAH F . -0.77 -18.27 -7.02
O4' SAH F . -0.77 -16.91 -7.40
C3' SAH F . 0.71 -18.65 -6.89
O3' SAH F . 0.89 -20.04 -7.06
C2' SAH F . 1.33 -17.80 -7.98
O2' SAH F . 1.15 -18.32 -9.28
C1' SAH F . 0.50 -16.54 -7.88
N9 SAH F . 1.12 -15.56 -6.96
C8 SAH F . 0.70 -15.21 -5.70
N7 SAH F . 1.49 -14.27 -5.17
C5 SAH F . 2.44 -13.97 -6.12
C6 SAH F . 3.51 -13.06 -6.13
N6 SAH F . 3.80 -12.25 -5.12
N1 SAH F . 4.27 -13.04 -7.27
C2 SAH F . 4.01 -13.87 -8.33
N3 SAH F . 2.95 -14.76 -8.34
C4 SAH F . 2.20 -14.78 -7.23
#